data_1AWC
#
_entry.id   1AWC
#
_cell.length_a   201.600
_cell.length_b   34.550
_cell.length_c   59.260
_cell.angle_alpha   90.00
_cell.angle_beta   99.83
_cell.angle_gamma   90.00
#
_symmetry.space_group_name_H-M   'C 1 2 1'
#
loop_
_entity.id
_entity.type
_entity.pdbx_description
1 polymer "DNA (5'-D(*AP*AP*(BRU)P*GP*AP*CP*CP*GP*GP*AP*AP*GP*TP*AP*(CBR)P*AP*CP*(CBR)P*GP*GP*A)-3')"
2 polymer "DNA (5'-D(*TP*TP*CP*CP*GP*GP*(BRU)P*GP*(BRU)P*AP*CP*TP*TP*CP*CP*GP*GP*TP*CP*AP*T)-3')"
3 polymer 'PROTEIN (GA BINDING PROTEIN ALPHA)'
4 polymer 'PROTEIN (GA BINDING PROTEIN BETA 1)'
5 water water
#
loop_
_entity_poly.entity_id
_entity_poly.type
_entity_poly.pdbx_seq_one_letter_code
_entity_poly.pdbx_strand_id
1 'polydeoxyribonucleotide'
;(DA)(DA)(BRU)(DG)(DA)(DC)(DC)(DG)(DG)(DA)(DA)(DG)(DT)(DA)(CBR)(DA)(DC)(CBR)(DG)
(DG)(DA)
;
D
2 'polydeoxyribonucleotide'
;(DT)(DT)(DC)(DC)(DG)(DG)(BRU)(DG)(BRU)(DA)(DC)(DT)(DT)(DC)(DC)(DG)(DG)(DT)(DC)
(DA)(DT)
;
E
3 'polypeptide(L)'
;IQLWQFLLELLTDKDARDCISWVGDEGEFKLNQPELVAQKWGQRKNKPTMNYEKLSRALRYYYDGDMICKVQGKRFVYKF
VCDLKTLIGYSAAELNRLVIECEQKKLARM
;
A
4 'polypeptide(L)'
;DLGKKLLEAARAGQDDEVRILMANGAPFTTDWLGTSPLHLAAQYGHFSTTEVLLRAGVSRDARTKVDRTPLHMAASEGHA
NIVEVLLKHGADVNAKDMLKMTALHWATEHNHQEVVELLIKYGADVHTQSKFCKTAFDISIDNGNEDLAEILQ
;
B
#
# COMPACT_ATOMS: atom_id res chain seq x y z
N ILE C 1 -14.11 3.68 4.95
CA ILE C 1 -12.87 4.47 4.69
C ILE C 1 -12.60 5.42 5.84
N GLN C 2 -11.37 5.38 6.34
CA GLN C 2 -10.96 6.23 7.44
C GLN C 2 -10.27 7.47 6.91
N LEU C 3 -10.42 8.56 7.66
CA LEU C 3 -9.84 9.84 7.30
C LEU C 3 -8.39 9.74 6.80
N TRP C 4 -7.56 8.96 7.48
CA TRP C 4 -6.16 8.82 7.06
C TRP C 4 -5.99 8.25 5.65
N GLN C 5 -6.89 7.34 5.27
CA GLN C 5 -6.84 6.72 3.95
C GLN C 5 -7.24 7.74 2.87
N PHE C 6 -8.22 8.56 3.21
CA PHE C 6 -8.70 9.59 2.28
C PHE C 6 -7.62 10.65 2.06
N LEU C 7 -6.98 11.09 3.14
CA LEU C 7 -5.93 12.10 3.05
C LEU C 7 -4.74 11.58 2.24
N LEU C 8 -4.39 10.32 2.48
CA LEU C 8 -3.30 9.68 1.76
C LEU C 8 -3.70 9.56 0.27
N GLU C 9 -4.99 9.33 0.00
CA GLU C 9 -5.46 9.26 -1.38
C GLU C 9 -5.22 10.63 -2.03
N LEU C 10 -5.70 11.69 -1.39
CA LEU C 10 -5.55 13.05 -1.89
C LEU C 10 -4.09 13.42 -2.06
N LEU C 11 -3.28 13.04 -1.08
CA LEU C 11 -1.84 13.37 -1.11
C LEU C 11 -1.11 12.71 -2.26
N THR C 12 -1.69 11.65 -2.82
CA THR C 12 -1.10 10.95 -3.96
C THR C 12 -1.85 11.28 -5.27
N ASP C 13 -2.76 12.24 -5.21
CA ASP C 13 -3.51 12.65 -6.38
C ASP C 13 -2.95 14.00 -6.85
N LYS C 14 -2.25 13.98 -7.98
CA LYS C 14 -1.64 15.20 -8.56
C LYS C 14 -2.62 16.34 -8.75
N ASP C 15 -3.90 15.99 -8.88
CA ASP C 15 -4.93 16.99 -9.08
C ASP C 15 -5.37 17.65 -7.78
N ALA C 16 -4.97 17.08 -6.65
CA ALA C 16 -5.37 17.63 -5.36
C ALA C 16 -4.37 18.58 -4.74
N ARG C 17 -3.17 18.62 -5.30
CA ARG C 17 -2.09 19.45 -4.77
C ARG C 17 -2.50 20.85 -4.29
N ASP C 18 -3.44 21.48 -4.97
CA ASP C 18 -3.87 22.82 -4.58
C ASP C 18 -4.65 22.91 -3.26
N CYS C 19 -5.24 21.81 -2.81
CA CYS C 19 -5.97 21.86 -1.53
C CYS C 19 -5.23 21.18 -0.38
N ILE C 20 -4.36 20.23 -0.71
CA ILE C 20 -3.59 19.49 0.28
C ILE C 20 -2.33 19.00 -0.41
N SER C 21 -1.18 19.20 0.24
CA SER C 21 0.09 18.79 -0.35
C SER C 21 1.13 18.54 0.73
N TRP C 22 2.14 17.71 0.41
CA TRP C 22 3.20 17.43 1.36
C TRP C 22 4.06 18.70 1.51
N VAL C 23 4.60 18.91 2.70
CA VAL C 23 5.47 20.05 2.94
C VAL C 23 6.74 19.43 3.52
N GLY C 24 7.68 19.11 2.63
CA GLY C 24 8.89 18.50 3.10
C GLY C 24 8.96 17.04 2.73
N ASP C 25 10.03 16.38 3.18
CA ASP C 25 10.24 14.99 2.88
C ASP C 25 10.18 14.11 4.10
N GLU C 26 9.57 14.61 5.18
CA GLU C 26 9.47 13.87 6.45
C GLU C 26 8.07 13.41 6.88
N GLY C 27 7.06 13.63 6.05
CA GLY C 27 5.74 13.19 6.45
C GLY C 27 4.77 14.32 6.68
N GLU C 28 5.27 15.54 6.92
CA GLU C 28 4.40 16.68 7.13
C GLU C 28 3.65 17.08 5.85
N PHE C 29 2.40 17.49 5.99
CA PHE C 29 1.60 17.89 4.84
C PHE C 29 0.71 19.01 5.32
N LYS C 30 0.26 19.83 4.39
CA LYS C 30 -0.58 20.96 4.74
C LYS C 30 -1.89 20.95 3.96
N LEU C 31 -2.96 21.32 4.64
CA LEU C 31 -4.30 21.43 4.04
C LEU C 31 -4.34 22.87 3.57
N ASN C 32 -3.77 23.10 2.40
CA ASN C 32 -3.69 24.43 1.79
C ASN C 32 -5.04 25.12 1.69
N GLN C 33 -6.09 24.32 1.57
CA GLN C 33 -7.48 24.81 1.49
C GLN C 33 -8.29 23.88 2.38
N PRO C 34 -8.24 24.08 3.71
CA PRO C 34 -8.96 23.25 4.68
C PRO C 34 -10.44 22.99 4.48
N GLU C 35 -11.19 24.00 4.08
CA GLU C 35 -12.63 23.82 3.87
C GLU C 35 -12.96 22.97 2.65
N LEU C 36 -12.14 23.08 1.61
CA LEU C 36 -12.36 22.29 0.40
C LEU C 36 -12.10 20.83 0.74
N VAL C 37 -10.96 20.55 1.37
CA VAL C 37 -10.62 19.19 1.79
C VAL C 37 -11.77 18.61 2.65
N ALA C 38 -12.31 19.43 3.54
CA ALA C 38 -13.40 19.01 4.40
C ALA C 38 -14.61 18.68 3.54
N GLN C 39 -14.93 19.54 2.58
CA GLN C 39 -16.06 19.29 1.69
C GLN C 39 -15.86 17.95 0.99
N LYS C 40 -14.65 17.71 0.51
CA LYS C 40 -14.33 16.48 -0.19
C LYS C 40 -14.47 15.29 0.73
N TRP C 41 -14.03 15.44 1.97
CA TRP C 41 -14.13 14.37 2.95
C TRP C 41 -15.63 14.05 3.17
N GLY C 42 -16.41 15.11 3.37
CA GLY C 42 -17.84 14.97 3.59
C GLY C 42 -18.51 14.25 2.44
N GLN C 43 -18.01 14.44 1.23
CA GLN C 43 -18.60 13.78 0.09
C GLN C 43 -18.28 12.28 0.06
N ARG C 44 -17.16 11.91 0.65
CA ARG C 44 -16.76 10.51 0.71
C ARG C 44 -17.55 9.80 1.81
N LYS C 45 -17.77 10.50 2.92
CA LYS C 45 -18.51 9.95 4.04
C LYS C 45 -20.00 10.23 3.92
N ASN C 46 -20.36 11.02 2.92
CA ASN C 46 -21.75 11.41 2.67
C ASN C 46 -22.28 12.28 3.80
N LYS C 47 -21.43 13.17 4.29
CA LYS C 47 -21.77 14.10 5.35
C LYS C 47 -21.83 15.47 4.70
N PRO C 48 -23.03 15.88 4.25
CA PRO C 48 -23.26 17.16 3.58
C PRO C 48 -22.76 18.41 4.29
N THR C 49 -22.74 18.41 5.62
CA THR C 49 -22.30 19.58 6.35
C THR C 49 -20.91 19.49 6.97
N MET C 50 -20.08 18.59 6.45
CA MET C 50 -18.72 18.44 6.98
C MET C 50 -17.96 19.74 6.73
N ASN C 51 -17.02 20.06 7.59
CA ASN C 51 -16.23 21.28 7.44
C ASN C 51 -14.90 21.14 8.17
N TYR C 52 -14.00 22.11 8.02
CA TYR C 52 -12.71 22.00 8.68
C TYR C 52 -12.81 21.84 10.19
N GLU C 53 -13.77 22.52 10.81
CA GLU C 53 -13.97 22.43 12.26
C GLU C 53 -14.13 20.96 12.68
N LYS C 54 -15.10 20.30 12.06
CA LYS C 54 -15.39 18.90 12.36
C LYS C 54 -14.23 17.99 11.91
N LEU C 55 -13.63 18.31 10.76
CA LEU C 55 -12.53 17.51 10.22
C LEU C 55 -11.30 17.57 11.08
N SER C 56 -10.99 18.75 11.63
CA SER C 56 -9.83 18.90 12.49
C SER C 56 -10.03 18.12 13.78
N ARG C 57 -11.27 18.10 14.27
CA ARG C 57 -11.57 17.36 15.50
C ARG C 57 -11.28 15.87 15.27
N ALA C 58 -11.71 15.34 14.14
CA ALA C 58 -11.47 13.94 13.78
C ALA C 58 -9.95 13.71 13.66
N LEU C 59 -9.23 14.74 13.24
CA LEU C 59 -7.77 14.69 13.07
C LEU C 59 -7.11 14.66 14.43
N ARG C 60 -7.71 15.37 15.38
CA ARG C 60 -7.19 15.39 16.74
C ARG C 60 -7.31 14.04 17.43
N TYR C 61 -8.35 13.28 17.10
CA TYR C 61 -8.52 11.96 17.69
C TYR C 61 -7.33 11.07 17.31
N TYR C 62 -6.62 11.44 16.24
CA TYR C 62 -5.46 10.67 15.80
C TYR C 62 -4.25 10.97 16.67
N TYR C 63 -4.34 12.02 17.48
CA TYR C 63 -3.22 12.44 18.33
C TYR C 63 -2.75 11.39 19.34
N ASP C 64 -3.65 10.50 19.74
CA ASP C 64 -3.29 9.45 20.67
C ASP C 64 -2.59 8.29 19.95
N GLY C 65 -2.80 8.19 18.65
CA GLY C 65 -2.23 7.10 17.87
C GLY C 65 -0.86 7.23 17.27
N ASP C 66 -0.56 6.33 16.34
CA ASP C 66 0.72 6.27 15.66
C ASP C 66 0.55 6.56 14.17
N MET C 67 -0.48 7.31 13.82
CA MET C 67 -0.72 7.62 12.41
C MET C 67 -0.46 9.09 12.06
N ILE C 68 -1.30 9.98 12.54
CA ILE C 68 -1.16 11.40 12.25
C ILE C 68 -1.10 12.24 13.53
N CYS C 69 -0.36 13.33 13.46
CA CYS C 69 -0.22 14.25 14.58
C CYS C 69 -0.14 15.65 13.97
N LYS C 70 -0.33 16.67 14.80
CA LYS C 70 -0.27 18.05 14.31
C LYS C 70 1.19 18.51 14.25
N VAL C 71 1.44 19.57 13.50
CA VAL C 71 2.79 20.13 13.46
C VAL C 71 2.65 21.45 14.19
N GLN C 72 3.17 21.49 15.42
CA GLN C 72 3.11 22.66 16.28
C GLN C 72 3.57 23.96 15.64
N GLY C 73 2.70 24.95 15.66
CA GLY C 73 3.04 26.27 15.12
C GLY C 73 2.72 26.58 13.67
N LYS C 74 2.58 25.54 12.85
CA LYS C 74 2.30 25.73 11.44
C LYS C 74 0.81 25.61 11.14
N ARG C 75 0.22 26.72 10.69
CA ARG C 75 -1.20 26.79 10.36
C ARG C 75 -1.60 25.70 9.34
N PHE C 76 -2.63 24.92 9.68
CA PHE C 76 -3.15 23.84 8.83
C PHE C 76 -2.17 22.73 8.46
N VAL C 77 -1.05 22.61 9.16
CA VAL C 77 -0.08 21.57 8.85
C VAL C 77 -0.14 20.41 9.84
N TYR C 78 -0.17 19.19 9.30
CA TYR C 78 -0.20 17.98 10.11
C TYR C 78 0.92 17.08 9.64
N LYS C 79 1.08 15.93 10.28
CA LYS C 79 2.15 15.02 9.92
C LYS C 79 1.79 13.55 10.05
N PHE C 80 2.16 12.77 9.04
CA PHE C 80 1.94 11.32 9.03
C PHE C 80 3.13 10.77 9.78
N VAL C 81 2.91 10.39 11.03
CA VAL C 81 4.01 9.88 11.82
C VAL C 81 4.29 8.39 11.65
N CYS C 82 3.48 7.73 10.83
CA CYS C 82 3.71 6.31 10.59
C CYS C 82 4.77 6.14 9.50
N ASP C 83 5.35 4.95 9.44
CA ASP C 83 6.37 4.64 8.44
C ASP C 83 5.65 4.28 7.14
N LEU C 84 5.55 5.27 6.25
CA LEU C 84 4.88 5.10 4.97
C LEU C 84 5.53 4.08 4.05
N LYS C 85 6.87 4.02 4.06
CA LYS C 85 7.56 3.09 3.19
C LYS C 85 7.14 1.65 3.44
N THR C 86 6.86 1.33 4.71
CA THR C 86 6.44 0.00 5.05
C THR C 86 4.93 -0.12 4.80
N LEU C 87 4.21 0.96 5.01
CA LEU C 87 2.76 0.97 4.80
C LEU C 87 2.38 0.79 3.32
N ILE C 88 2.71 1.78 2.49
CA ILE C 88 2.40 1.74 1.07
C ILE C 88 3.55 1.43 0.14
N GLY C 89 4.75 1.34 0.67
CA GLY C 89 5.88 1.03 -0.20
C GLY C 89 6.77 2.19 -0.59
N TYR C 90 6.31 3.42 -0.33
CA TYR C 90 7.07 4.64 -0.61
C TYR C 90 7.03 5.55 0.62
N SER C 91 8.10 6.27 0.88
CA SER C 91 8.13 7.20 2.00
C SER C 91 7.39 8.46 1.57
N ALA C 92 7.21 9.39 2.50
CA ALA C 92 6.54 10.66 2.22
C ALA C 92 7.36 11.36 1.14
N ALA C 93 8.66 11.26 1.30
CA ALA C 93 9.62 11.87 0.38
C ALA C 93 9.49 11.29 -1.03
N GLU C 94 9.43 9.97 -1.11
CA GLU C 94 9.30 9.26 -2.38
C GLU C 94 7.95 9.59 -2.99
N LEU C 95 6.92 9.60 -2.16
CA LEU C 95 5.58 9.90 -2.64
C LEU C 95 5.49 11.32 -3.17
N ASN C 96 6.10 12.27 -2.45
CA ASN C 96 6.08 13.68 -2.84
C ASN C 96 6.83 13.92 -4.14
N ARG C 97 7.91 13.19 -4.33
CA ARG C 97 8.68 13.30 -5.56
C ARG C 97 7.81 12.80 -6.72
N LEU C 98 7.16 11.66 -6.53
CA LEU C 98 6.32 11.05 -7.55
C LEU C 98 5.10 11.86 -7.88
N VAL C 99 4.47 12.46 -6.87
CA VAL C 99 3.27 13.25 -7.15
C VAL C 99 3.62 14.56 -7.86
N ILE C 100 4.79 15.12 -7.54
CA ILE C 100 5.24 16.35 -8.18
C ILE C 100 5.64 16.06 -9.64
N GLU C 101 6.27 14.91 -9.86
CA GLU C 101 6.69 14.52 -11.20
C GLU C 101 5.47 14.39 -12.09
N CYS C 102 4.40 13.84 -11.53
CA CYS C 102 3.14 13.63 -12.24
C CYS C 102 2.49 14.97 -12.58
N GLU C 103 2.45 15.88 -11.61
CA GLU C 103 1.86 17.20 -11.83
C GLU C 103 2.60 17.98 -12.95
N GLN C 104 3.90 17.77 -13.03
CA GLN C 104 4.73 18.43 -14.04
C GLN C 104 4.36 17.90 -15.42
N LYS C 105 4.22 16.59 -15.53
CA LYS C 105 3.87 15.96 -16.80
C LYS C 105 2.52 16.49 -17.27
N LYS C 106 1.64 16.73 -16.30
CA LYS C 106 0.30 17.26 -16.55
C LYS C 106 0.36 18.69 -17.08
N LEU C 107 1.15 19.52 -16.41
CA LEU C 107 1.28 20.92 -16.82
C LEU C 107 1.97 21.00 -18.17
N ALA C 108 2.91 20.10 -18.42
CA ALA C 108 3.63 20.08 -19.68
C ALA C 108 2.69 19.73 -20.81
N ARG C 109 1.73 18.85 -20.54
CA ARG C 109 0.77 18.45 -21.55
C ARG C 109 -0.26 19.55 -21.81
N MET C 110 -0.76 20.16 -20.75
CA MET C 110 -1.76 21.21 -20.90
C MET C 110 -1.13 22.55 -21.27
N ASP D 1 -4.83 -13.72 22.03
CA ASP D 1 -5.97 -14.60 21.65
C ASP D 1 -5.55 -15.48 20.49
N LEU D 2 -6.45 -16.37 20.08
CA LEU D 2 -6.20 -17.30 18.98
C LEU D 2 -5.88 -16.60 17.66
N GLY D 3 -6.68 -15.59 17.32
CA GLY D 3 -6.48 -14.84 16.09
C GLY D 3 -5.12 -14.18 16.07
N LYS D 4 -4.75 -13.56 17.18
CA LYS D 4 -3.46 -12.89 17.31
C LYS D 4 -2.33 -13.91 17.28
N LYS D 5 -2.52 -15.01 18.00
CA LYS D 5 -1.51 -16.07 18.03
C LYS D 5 -1.24 -16.57 16.62
N LEU D 6 -2.27 -16.56 15.78
CA LEU D 6 -2.16 -16.98 14.39
C LEU D 6 -1.34 -15.94 13.64
N LEU D 7 -1.68 -14.67 13.84
CA LEU D 7 -0.96 -13.56 13.18
C LEU D 7 0.51 -13.62 13.54
N GLU D 8 0.78 -13.75 14.84
CA GLU D 8 2.14 -13.82 15.35
C GLU D 8 2.90 -15.05 14.82
N ALA D 9 2.22 -16.20 14.81
CA ALA D 9 2.81 -17.46 14.35
C ALA D 9 3.21 -17.41 12.87
N ALA D 10 2.33 -16.83 12.04
CA ALA D 10 2.57 -16.69 10.61
C ALA D 10 3.79 -15.79 10.39
N ARG D 11 3.81 -14.66 11.09
CA ARG D 11 4.90 -13.72 10.98
C ARG D 11 6.21 -14.41 11.35
N ALA D 12 6.14 -15.26 12.37
CA ALA D 12 7.28 -16.00 12.85
C ALA D 12 7.64 -17.19 11.95
N GLY D 13 6.72 -17.55 11.06
CA GLY D 13 6.98 -18.65 10.17
C GLY D 13 6.98 -19.95 10.92
N GLN D 14 6.04 -20.08 11.84
CA GLN D 14 5.88 -21.27 12.66
C GLN D 14 4.71 -22.05 12.06
N ASP D 15 4.96 -22.74 10.95
CA ASP D 15 3.93 -23.49 10.23
C ASP D 15 3.17 -24.56 11.02
N ASP D 16 3.87 -25.26 11.92
CA ASP D 16 3.21 -26.28 12.72
C ASP D 16 2.24 -25.63 13.69
N GLU D 17 2.67 -24.55 14.34
CA GLU D 17 1.81 -23.84 15.26
C GLU D 17 0.63 -23.26 14.48
N VAL D 18 0.88 -22.84 13.24
CA VAL D 18 -0.18 -22.29 12.39
C VAL D 18 -1.22 -23.39 12.22
N ARG D 19 -0.75 -24.58 11.84
CA ARG D 19 -1.64 -25.73 11.67
C ARG D 19 -2.40 -25.92 12.97
N ILE D 20 -1.66 -25.88 14.08
CA ILE D 20 -2.23 -26.02 15.41
C ILE D 20 -3.36 -25.02 15.69
N LEU D 21 -3.07 -23.73 15.57
CA LEU D 21 -4.07 -22.71 15.84
C LEU D 21 -5.32 -22.81 14.98
N MET D 22 -5.13 -23.13 13.70
CA MET D 22 -6.26 -23.26 12.79
C MET D 22 -7.08 -24.50 13.13
N ALA D 23 -6.44 -25.46 13.76
CA ALA D 23 -7.11 -26.69 14.18
C ALA D 23 -8.03 -26.30 15.35
N ASN D 24 -7.44 -25.70 16.37
CA ASN D 24 -8.17 -25.26 17.57
C ASN D 24 -9.36 -24.38 17.21
N GLY D 25 -9.25 -23.63 16.13
CA GLY D 25 -10.34 -22.77 15.71
C GLY D 25 -9.99 -21.29 15.75
N ALA D 26 -8.71 -20.98 15.57
CA ALA D 26 -8.25 -19.59 15.57
C ALA D 26 -8.90 -18.77 14.46
N PRO D 27 -9.52 -17.64 14.83
CA PRO D 27 -10.18 -16.76 13.85
C PRO D 27 -9.19 -16.04 12.95
N PHE D 28 -9.38 -16.17 11.64
CA PHE D 28 -8.51 -15.53 10.66
C PHE D 28 -8.74 -14.03 10.84
N THR D 29 -7.79 -13.36 11.50
CA THR D 29 -7.92 -11.92 11.73
C THR D 29 -6.93 -11.08 10.92
N THR D 30 -6.80 -9.83 11.31
CA THR D 30 -5.90 -8.86 10.68
C THR D 30 -5.54 -7.83 11.74
N ASP D 31 -4.49 -7.04 11.53
CA ASP D 31 -4.13 -6.01 12.51
C ASP D 31 -4.83 -4.67 12.19
N TRP D 32 -4.43 -3.62 12.92
CA TRP D 32 -5.01 -2.28 12.75
C TRP D 32 -4.95 -1.73 11.31
N LEU D 33 -4.04 -2.27 10.52
CA LEU D 33 -3.87 -1.83 9.14
C LEU D 33 -4.36 -2.87 8.11
N GLY D 34 -5.16 -3.82 8.56
CA GLY D 34 -5.67 -4.84 7.65
C GLY D 34 -4.69 -5.93 7.27
N THR D 35 -3.53 -5.97 7.93
CA THR D 35 -2.51 -6.98 7.65
C THR D 35 -2.98 -8.32 8.21
N SER D 36 -3.09 -9.32 7.35
CA SER D 36 -3.53 -10.67 7.75
C SER D 36 -2.35 -11.65 7.86
N PRO D 37 -2.59 -12.86 8.37
CA PRO D 37 -1.53 -13.84 8.51
C PRO D 37 -0.83 -14.16 7.19
N LEU D 38 -1.60 -14.19 6.10
CA LEU D 38 -1.06 -14.47 4.78
C LEU D 38 -0.15 -13.34 4.29
N HIS D 39 -0.53 -12.11 4.56
CA HIS D 39 0.29 -10.95 4.18
C HIS D 39 1.60 -11.04 4.89
N LEU D 40 1.54 -11.41 6.18
CA LEU D 40 2.72 -11.55 7.03
C LEU D 40 3.61 -12.70 6.60
N ALA D 41 3.01 -13.85 6.32
CA ALA D 41 3.78 -15.02 5.88
C ALA D 41 4.52 -14.73 4.56
N ALA D 42 3.81 -14.15 3.60
CA ALA D 42 4.36 -13.82 2.28
C ALA D 42 5.36 -12.68 2.34
N GLN D 43 5.09 -11.72 3.20
CA GLN D 43 5.96 -10.56 3.37
C GLN D 43 7.31 -10.95 3.95
N TYR D 44 7.27 -11.81 4.97
CA TYR D 44 8.48 -12.26 5.63
C TYR D 44 9.18 -13.44 4.94
N GLY D 45 8.53 -13.98 3.91
CA GLY D 45 9.12 -15.07 3.14
C GLY D 45 9.03 -16.44 3.76
N HIS D 46 7.91 -16.69 4.44
CA HIS D 46 7.67 -17.96 5.10
C HIS D 46 6.88 -18.88 4.17
N PHE D 47 7.62 -19.65 3.38
CA PHE D 47 7.02 -20.55 2.39
C PHE D 47 6.07 -21.61 2.88
N SER D 48 6.50 -22.42 3.85
CA SER D 48 5.66 -23.48 4.38
C SER D 48 4.44 -22.88 5.04
N THR D 49 4.64 -21.79 5.77
CA THR D 49 3.55 -21.12 6.47
C THR D 49 2.52 -20.60 5.47
N THR D 50 2.97 -19.88 4.44
CA THR D 50 2.08 -19.35 3.42
C THR D 50 1.23 -20.51 2.89
N GLU D 51 1.90 -21.56 2.41
CA GLU D 51 1.30 -22.78 1.85
C GLU D 51 0.25 -23.38 2.79
N VAL D 52 0.58 -23.47 4.06
CA VAL D 52 -0.33 -24.00 5.06
C VAL D 52 -1.56 -23.10 5.18
N LEU D 53 -1.35 -21.80 5.08
CA LEU D 53 -2.47 -20.85 5.18
C LEU D 53 -3.37 -21.04 3.96
N LEU D 54 -2.74 -21.12 2.80
CA LEU D 54 -3.49 -21.31 1.56
C LEU D 54 -4.33 -22.58 1.67
N ARG D 55 -3.68 -23.70 1.99
CA ARG D 55 -4.40 -24.97 2.12
C ARG D 55 -5.40 -24.94 3.27
N ALA D 56 -5.46 -23.84 4.00
CA ALA D 56 -6.39 -23.70 5.11
C ALA D 56 -7.66 -22.96 4.66
N GLY D 57 -7.60 -22.37 3.48
CA GLY D 57 -8.75 -21.66 2.94
C GLY D 57 -8.76 -20.15 3.16
N VAL D 58 -7.64 -19.59 3.64
CA VAL D 58 -7.57 -18.15 3.86
C VAL D 58 -7.72 -17.40 2.54
N SER D 59 -8.17 -16.15 2.62
CA SER D 59 -8.36 -15.34 1.43
C SER D 59 -7.03 -15.08 0.70
N ARG D 60 -6.97 -15.53 -0.54
CA ARG D 60 -5.77 -15.36 -1.37
C ARG D 60 -5.54 -13.88 -1.65
N ASP D 61 -6.60 -13.18 -2.05
CA ASP D 61 -6.50 -11.74 -2.34
C ASP D 61 -7.00 -10.84 -1.21
N ALA D 62 -6.51 -11.09 0.01
CA ALA D 62 -6.89 -10.27 1.15
C ALA D 62 -6.24 -8.90 0.99
N ARG D 63 -7.01 -7.84 1.24
CA ARG D 63 -6.53 -6.46 1.10
C ARG D 63 -6.22 -5.72 2.41
N THR D 64 -5.07 -5.07 2.48
CA THR D 64 -4.74 -4.30 3.67
C THR D 64 -5.48 -2.97 3.52
N LYS D 65 -5.24 -2.03 4.43
CA LYS D 65 -5.92 -0.74 4.36
C LYS D 65 -5.35 0.20 3.31
N VAL D 66 -4.33 -0.26 2.58
CA VAL D 66 -3.76 0.52 1.50
C VAL D 66 -3.92 -0.31 0.23
N ASP D 67 -4.80 -1.31 0.34
CA ASP D 67 -5.17 -2.24 -0.71
C ASP D 67 -4.14 -3.23 -1.21
N ARG D 68 -3.09 -3.44 -0.43
CA ARG D 68 -2.07 -4.41 -0.81
C ARG D 68 -2.54 -5.85 -0.55
N THR D 69 -2.17 -6.75 -1.45
CA THR D 69 -2.50 -8.16 -1.30
C THR D 69 -1.18 -8.86 -0.89
N PRO D 70 -1.25 -10.15 -0.50
CA PRO D 70 -0.02 -10.85 -0.11
C PRO D 70 0.96 -10.96 -1.28
N LEU D 71 0.39 -11.06 -2.50
CA LEU D 71 1.19 -11.13 -3.72
C LEU D 71 2.00 -9.84 -3.87
N HIS D 72 1.39 -8.72 -3.52
CA HIS D 72 2.06 -7.43 -3.57
C HIS D 72 3.31 -7.47 -2.69
N MET D 73 3.13 -7.96 -1.46
CA MET D 73 4.21 -8.07 -0.47
C MET D 73 5.30 -8.99 -0.97
N ALA D 74 4.90 -10.20 -1.39
CA ALA D 74 5.83 -11.21 -1.90
C ALA D 74 6.69 -10.69 -3.07
N ALA D 75 6.03 -10.05 -4.03
CA ALA D 75 6.71 -9.48 -5.20
C ALA D 75 7.65 -8.37 -4.76
N SER D 76 7.12 -7.48 -3.92
CA SER D 76 7.88 -6.35 -3.39
C SER D 76 9.14 -6.84 -2.67
N GLU D 77 9.01 -7.92 -1.92
CA GLU D 77 10.13 -8.50 -1.16
C GLU D 77 11.03 -9.42 -1.98
N GLY D 78 10.60 -9.77 -3.19
CA GLY D 78 11.43 -10.62 -4.03
C GLY D 78 11.37 -12.11 -3.76
N HIS D 79 10.32 -12.56 -3.05
CA HIS D 79 10.14 -13.97 -2.75
C HIS D 79 9.46 -14.67 -3.93
N ALA D 80 10.24 -15.03 -4.95
CA ALA D 80 9.70 -15.68 -6.14
C ALA D 80 9.00 -16.96 -5.72
N ASN D 81 9.60 -17.67 -4.78
CA ASN D 81 9.04 -18.92 -4.27
C ASN D 81 7.62 -18.68 -3.76
N ILE D 82 7.45 -17.63 -2.97
CA ILE D 82 6.15 -17.28 -2.41
C ILE D 82 5.21 -16.78 -3.52
N VAL D 83 5.74 -15.96 -4.42
CA VAL D 83 4.93 -15.40 -5.50
C VAL D 83 4.33 -16.54 -6.34
N GLU D 84 5.15 -17.55 -6.61
CA GLU D 84 4.75 -18.70 -7.40
C GLU D 84 3.60 -19.51 -6.80
N VAL D 85 3.69 -19.82 -5.51
CA VAL D 85 2.63 -20.60 -4.86
C VAL D 85 1.35 -19.79 -4.78
N LEU D 86 1.45 -18.49 -4.53
CA LEU D 86 0.27 -17.62 -4.45
C LEU D 86 -0.46 -17.62 -5.79
N LEU D 87 0.31 -17.55 -6.87
CA LEU D 87 -0.25 -17.54 -8.21
C LEU D 87 -0.85 -18.92 -8.46
N LYS D 88 -0.13 -19.96 -8.04
CA LYS D 88 -0.59 -21.33 -8.21
C LYS D 88 -1.86 -21.65 -7.43
N HIS D 89 -2.30 -20.74 -6.58
CA HIS D 89 -3.53 -20.98 -5.84
C HIS D 89 -4.57 -19.96 -6.22
N GLY D 90 -4.42 -19.41 -7.42
CA GLY D 90 -5.38 -18.45 -7.93
C GLY D 90 -5.29 -17.00 -7.52
N ALA D 91 -4.12 -16.52 -7.08
CA ALA D 91 -3.99 -15.12 -6.72
C ALA D 91 -4.07 -14.27 -7.99
N ASP D 92 -4.81 -13.18 -7.94
CA ASP D 92 -4.94 -12.29 -9.09
C ASP D 92 -3.60 -11.62 -9.31
N VAL D 93 -2.94 -11.94 -10.42
CA VAL D 93 -1.64 -11.36 -10.74
C VAL D 93 -1.72 -9.86 -10.95
N ASN D 94 -2.92 -9.39 -11.37
CA ASN D 94 -3.15 -7.98 -11.66
C ASN D 94 -3.76 -7.10 -10.59
N ALA D 95 -3.83 -7.57 -9.36
CA ALA D 95 -4.38 -6.77 -8.27
C ALA D 95 -3.60 -5.45 -8.18
N LYS D 96 -4.29 -4.35 -7.92
CA LYS D 96 -3.67 -3.03 -7.82
C LYS D 96 -3.91 -2.46 -6.42
N ASP D 97 -2.87 -1.86 -5.83
CA ASP D 97 -3.00 -1.27 -4.49
C ASP D 97 -3.54 0.15 -4.54
N MET D 98 -3.34 0.92 -3.47
CA MET D 98 -3.81 2.31 -3.40
C MET D 98 -3.21 3.26 -4.45
N LEU D 99 -1.99 2.97 -4.88
CA LEU D 99 -1.32 3.81 -5.87
C LEU D 99 -1.52 3.18 -7.24
N LYS D 100 -2.51 2.30 -7.35
CA LYS D 100 -2.83 1.60 -8.58
C LYS D 100 -1.62 0.84 -9.15
N MET D 101 -0.83 0.27 -8.25
CA MET D 101 0.36 -0.49 -8.63
C MET D 101 0.16 -1.99 -8.42
N THR D 102 0.72 -2.76 -9.34
CA THR D 102 0.64 -4.21 -9.32
C THR D 102 1.91 -4.83 -8.78
N ALA D 103 1.86 -6.14 -8.53
CA ALA D 103 3.01 -6.85 -8.05
C ALA D 103 4.15 -6.62 -9.05
N LEU D 104 3.80 -6.48 -10.32
CA LEU D 104 4.81 -6.26 -11.37
C LEU D 104 5.49 -4.92 -11.13
N HIS D 105 4.70 -3.91 -10.76
CA HIS D 105 5.24 -2.58 -10.48
C HIS D 105 6.25 -2.64 -9.35
N TRP D 106 5.89 -3.31 -8.26
CA TRP D 106 6.76 -3.42 -7.10
C TRP D 106 7.99 -4.29 -7.31
N ALA D 107 7.84 -5.42 -7.98
CA ALA D 107 9.00 -6.28 -8.23
C ALA D 107 9.97 -5.51 -9.13
N THR D 108 9.44 -4.59 -9.93
CA THR D 108 10.31 -3.80 -10.80
C THR D 108 10.98 -2.70 -9.98
N GLU D 109 10.19 -2.00 -9.16
CA GLU D 109 10.72 -0.94 -8.31
C GLU D 109 11.88 -1.42 -7.45
N HIS D 110 11.78 -2.66 -7.00
CA HIS D 110 12.78 -3.26 -6.15
C HIS D 110 13.76 -4.17 -6.88
N ASN D 111 13.76 -4.06 -8.20
CA ASN D 111 14.66 -4.82 -9.06
C ASN D 111 14.67 -6.34 -8.94
N HIS D 112 13.52 -6.92 -8.69
CA HIS D 112 13.41 -8.37 -8.61
C HIS D 112 13.12 -8.95 -10.00
N GLN D 113 14.14 -9.05 -10.86
CA GLN D 113 13.97 -9.56 -12.22
C GLN D 113 13.32 -10.94 -12.33
N GLU D 114 13.72 -11.87 -11.47
CA GLU D 114 13.15 -13.22 -11.51
C GLU D 114 11.67 -13.23 -11.16
N VAL D 115 11.24 -12.34 -10.28
CA VAL D 115 9.84 -12.24 -9.90
C VAL D 115 9.09 -11.56 -11.07
N VAL D 116 9.77 -10.64 -11.72
CA VAL D 116 9.22 -9.92 -12.86
C VAL D 116 9.00 -10.92 -14.01
N GLU D 117 9.96 -11.81 -14.23
CA GLU D 117 9.82 -12.81 -15.28
C GLU D 117 8.70 -13.80 -14.96
N LEU D 118 8.67 -14.24 -13.71
CA LEU D 118 7.65 -15.17 -13.23
C LEU D 118 6.25 -14.57 -13.37
N LEU D 119 6.13 -13.29 -13.06
CA LEU D 119 4.85 -12.58 -13.16
C LEU D 119 4.42 -12.47 -14.61
N ILE D 120 5.39 -12.16 -15.46
CA ILE D 120 5.14 -12.03 -16.88
C ILE D 120 4.68 -13.37 -17.47
N LYS D 121 5.18 -14.48 -16.92
CA LYS D 121 4.79 -15.82 -17.37
C LYS D 121 3.37 -16.16 -16.95
N TYR D 122 2.97 -15.74 -15.75
CA TYR D 122 1.62 -15.99 -15.29
C TYR D 122 0.62 -14.95 -15.81
N GLY D 123 0.81 -14.54 -17.05
CA GLY D 123 -0.10 -13.58 -17.67
C GLY D 123 -0.28 -12.19 -17.08
N ALA D 124 0.65 -11.74 -16.25
CA ALA D 124 0.55 -10.41 -15.69
C ALA D 124 0.46 -9.39 -16.82
N ASP D 125 -0.37 -8.37 -16.62
CA ASP D 125 -0.55 -7.32 -17.60
C ASP D 125 0.67 -6.40 -17.48
N VAL D 126 1.51 -6.42 -18.51
CA VAL D 126 2.75 -5.63 -18.55
C VAL D 126 2.62 -4.13 -18.73
N HIS D 127 1.48 -3.69 -19.25
CA HIS D 127 1.29 -2.27 -19.47
C HIS D 127 0.25 -1.54 -18.65
N THR D 128 0.06 -1.93 -17.38
CA THR D 128 -0.91 -1.21 -16.56
C THR D 128 -0.26 0.07 -15.99
N GLN D 129 -1.04 1.14 -15.95
CA GLN D 129 -0.59 2.45 -15.47
C GLN D 129 -0.95 2.72 -14.00
N SER D 130 0.04 3.15 -13.23
CA SER D 130 -0.21 3.43 -11.82
C SER D 130 -0.86 4.82 -11.66
N LYS D 131 -1.11 5.20 -10.43
CA LYS D 131 -1.71 6.49 -10.08
C LYS D 131 -0.79 7.64 -10.57
N PHE D 132 0.45 7.28 -10.93
CA PHE D 132 1.41 8.24 -11.43
C PHE D 132 1.64 8.05 -12.92
N CYS D 133 0.72 7.33 -13.57
CA CYS D 133 0.80 7.08 -15.00
C CYS D 133 2.00 6.26 -15.41
N LYS D 134 2.54 5.48 -14.48
CA LYS D 134 3.70 4.66 -14.78
C LYS D 134 3.39 3.19 -15.00
N THR D 135 3.99 2.63 -16.05
CA THR D 135 3.87 1.21 -16.34
C THR D 135 5.15 0.67 -15.65
N ALA D 136 5.30 -0.64 -15.53
CA ALA D 136 6.51 -1.20 -14.91
C ALA D 136 7.75 -0.72 -15.67
N PHE D 137 7.63 -0.62 -16.99
CA PHE D 137 8.72 -0.18 -17.87
C PHE D 137 9.27 1.17 -17.43
N ASP D 138 8.38 2.10 -17.11
CA ASP D 138 8.82 3.42 -16.68
C ASP D 138 9.63 3.33 -15.41
N ILE D 139 9.19 2.49 -14.49
CA ILE D 139 9.88 2.31 -13.22
C ILE D 139 11.31 1.81 -13.49
N SER D 140 11.45 0.82 -14.36
CA SER D 140 12.78 0.29 -14.70
C SER D 140 13.64 1.38 -15.33
N ILE D 141 13.04 2.25 -16.13
CA ILE D 141 13.78 3.35 -16.73
C ILE D 141 14.19 4.37 -15.67
N ASP D 142 13.26 4.72 -14.81
CA ASP D 142 13.52 5.64 -13.71
C ASP D 142 14.58 5.08 -12.77
N ASN D 143 14.74 3.76 -12.80
CA ASN D 143 15.72 3.10 -11.94
C ASN D 143 17.03 2.79 -12.67
N GLY D 144 17.07 3.12 -13.95
CA GLY D 144 18.27 2.90 -14.73
C GLY D 144 18.58 1.44 -14.97
N ASN D 145 17.58 0.58 -14.84
CA ASN D 145 17.77 -0.86 -15.04
C ASN D 145 17.37 -1.22 -16.46
N GLU D 146 18.33 -1.15 -17.37
CA GLU D 146 18.08 -1.44 -18.79
C GLU D 146 17.74 -2.90 -19.11
N ASP D 147 18.09 -3.81 -18.21
CA ASP D 147 17.81 -5.21 -18.44
C ASP D 147 16.35 -5.48 -18.24
N LEU D 148 15.76 -4.85 -17.24
CA LEU D 148 14.34 -5.03 -16.95
C LEU D 148 13.55 -4.23 -17.98
N ALA D 149 14.05 -3.05 -18.32
CA ALA D 149 13.37 -2.18 -19.30
C ALA D 149 13.12 -2.91 -20.62
N GLU D 150 14.06 -3.76 -20.99
CA GLU D 150 13.96 -4.52 -22.22
C GLU D 150 12.91 -5.62 -22.16
N ILE D 151 12.68 -6.21 -21.00
CA ILE D 151 11.68 -7.26 -20.93
C ILE D 151 10.31 -6.69 -20.68
N LEU D 152 10.27 -5.42 -20.27
CA LEU D 152 9.02 -4.74 -19.93
C LEU D 152 8.44 -3.83 -21.00
N GLN D 153 9.22 -3.49 -22.03
CA GLN D 153 8.72 -2.60 -23.07
C GLN D 153 7.56 -3.20 -23.87
#